data_3F22
#
_entry.id   3F22
#
_cell.length_a   85.937
_cell.length_b   85.937
_cell.length_c   71.201
_cell.angle_alpha   90.00
_cell.angle_beta   90.00
_cell.angle_gamma   90.00
#
_symmetry.space_group_name_H-M   'P 4 21 2'
#
loop_
_entity.id
_entity.type
_entity.pdbx_description
1 polymer 'Double-stranded RNA-specific adenosine deaminase'
2 polymer "DNA (5'-D(*DTP*DCP*DGP*DTP*DAP*DCP*DG)-3')"
3 water water
#
loop_
_entity_poly.entity_id
_entity_poly.type
_entity_poly.pdbx_seq_one_letter_code
_entity_poly.pdbx_strand_id
1 'polypeptide(L)'
;GSHMLSIYQDQEQRILKFLEELGEGKATTAHDLSGKLGTPKKEINRVLYSLAKKGKLQKEAGTPPLWKIAVSTQAWNQHS
G
;
A,B,C
2 'polydeoxyribonucleotide' (DT)(DC)(DG)(DT)(DA)(DC)(DG) D,E,F
#
loop_
_chem_comp.id
_chem_comp.type
_chem_comp.name
_chem_comp.formula
DA DNA linking 2'-DEOXYADENOSINE-5'-MONOPHOSPHATE 'C10 H14 N5 O6 P'
DC DNA linking 2'-DEOXYCYTIDINE-5'-MONOPHOSPHATE 'C9 H14 N3 O7 P'
DG DNA linking 2'-DEOXYGUANOSINE-5'-MONOPHOSPHATE 'C10 H14 N5 O7 P'
DT DNA linking THYMIDINE-5'-MONOPHOSPHATE 'C10 H15 N2 O8 P'
#
# COMPACT_ATOMS: atom_id res chain seq x y z
N SER A 6 26.44 -23.30 0.71
CA SER A 6 25.73 -21.97 0.69
C SER A 6 24.20 -22.04 0.81
N ILE A 7 23.65 -21.23 1.71
CA ILE A 7 22.20 -21.19 1.90
C ILE A 7 21.55 -20.62 0.63
N TYR A 8 22.09 -19.51 0.14
CA TYR A 8 21.59 -18.87 -1.07
C TYR A 8 21.47 -19.89 -2.21
N GLN A 9 22.52 -20.66 -2.45
CA GLN A 9 22.48 -21.67 -3.50
C GLN A 9 21.46 -22.76 -3.19
N ASP A 10 21.30 -23.10 -1.90
CA ASP A 10 20.33 -24.10 -1.53
C ASP A 10 18.97 -23.62 -2.02
N GLN A 11 18.61 -22.40 -1.62
CA GLN A 11 17.31 -21.84 -2.00
C GLN A 11 17.17 -21.74 -3.51
N GLU A 12 18.27 -21.42 -4.19
CA GLU A 12 18.22 -21.35 -5.62
C GLU A 12 17.79 -22.72 -6.14
N GLN A 13 18.50 -23.74 -5.71
CA GLN A 13 18.21 -25.11 -6.11
C GLN A 13 16.81 -25.54 -5.69
N ARG A 14 16.37 -25.13 -4.50
CA ARG A 14 15.05 -25.51 -4.03
C ARG A 14 14.01 -24.88 -4.97
N ILE A 15 14.31 -23.71 -5.48
CA ILE A 15 13.40 -23.04 -6.41
C ILE A 15 13.41 -23.78 -7.75
N LEU A 16 14.60 -24.01 -8.27
CA LEU A 16 14.73 -24.72 -9.54
C LEU A 16 14.05 -26.10 -9.49
N LYS A 17 14.23 -26.80 -8.37
CA LYS A 17 13.62 -28.12 -8.21
C LYS A 17 12.10 -28.04 -8.14
N PHE A 18 11.58 -27.06 -7.41
CA PHE A 18 10.13 -26.96 -7.32
C PHE A 18 9.52 -26.65 -8.69
N LEU A 19 10.20 -25.85 -9.50
CA LEU A 19 9.68 -25.53 -10.83
C LEU A 19 9.91 -26.66 -11.85
N GLU A 20 10.94 -27.47 -11.64
CA GLU A 20 11.20 -28.57 -12.55
C GLU A 20 10.18 -29.68 -12.29
N GLU A 21 9.77 -29.79 -11.04
CA GLU A 21 8.77 -30.79 -10.65
C GLU A 21 7.41 -30.25 -11.09
N LEU A 22 7.27 -28.94 -11.02
CA LEU A 22 6.01 -28.32 -11.41
C LEU A 22 5.72 -28.68 -12.86
N GLY A 23 6.76 -28.67 -13.70
CA GLY A 23 6.58 -28.97 -15.10
C GLY A 23 7.01 -27.76 -15.89
N GLU A 24 8.02 -27.95 -16.73
CA GLU A 24 8.59 -26.87 -17.55
C GLU A 24 7.62 -25.83 -18.13
N GLY A 25 6.51 -26.28 -18.71
CA GLY A 25 5.57 -25.31 -19.27
C GLY A 25 4.68 -24.62 -18.23
N LYS A 26 4.64 -25.16 -17.02
CA LYS A 26 3.81 -24.58 -15.96
C LYS A 26 4.53 -23.47 -15.23
N ALA A 27 3.75 -22.56 -14.62
CA ALA A 27 4.32 -21.45 -13.88
C ALA A 27 3.57 -21.21 -12.57
N THR A 28 4.16 -20.38 -11.71
CA THR A 28 3.53 -20.02 -10.46
C THR A 28 4.06 -18.68 -9.96
N THR A 29 3.41 -18.16 -8.93
CA THR A 29 3.76 -16.88 -8.33
C THR A 29 4.81 -17.01 -7.24
N ALA A 30 5.53 -15.92 -6.99
CA ALA A 30 6.57 -15.90 -5.96
C ALA A 30 5.92 -16.15 -4.61
N HIS A 31 4.62 -15.86 -4.54
CA HIS A 31 3.84 -16.04 -3.33
C HIS A 31 3.66 -17.52 -3.00
N ASP A 32 3.26 -18.30 -4.00
CA ASP A 32 3.05 -19.72 -3.80
C ASP A 32 4.41 -20.34 -3.47
N LEU A 33 5.40 -19.96 -4.27
CA LEU A 33 6.77 -20.44 -4.08
C LEU A 33 7.23 -20.15 -2.64
N SER A 34 6.95 -18.94 -2.18
CA SER A 34 7.30 -18.53 -0.83
C SER A 34 6.58 -19.41 0.22
N GLY A 35 5.29 -19.63 0.04
CA GLY A 35 4.55 -20.44 0.99
C GLY A 35 5.00 -21.89 0.99
N LYS A 36 5.25 -22.46 -0.19
CA LYS A 36 5.70 -23.84 -0.29
C LYS A 36 7.10 -24.08 0.25
N LEU A 37 8.09 -23.27 -0.13
CA LEU A 37 9.44 -23.49 0.38
C LEU A 37 9.65 -22.94 1.78
N GLY A 38 8.71 -22.14 2.25
CA GLY A 38 8.84 -21.58 3.58
C GLY A 38 9.98 -20.59 3.65
N THR A 39 9.97 -19.65 2.72
CA THR A 39 10.97 -18.61 2.66
C THR A 39 10.21 -17.33 2.39
N PRO A 40 10.56 -16.22 3.06
CA PRO A 40 9.84 -14.96 2.85
C PRO A 40 9.75 -14.60 1.37
N LYS A 41 8.58 -14.13 0.95
CA LYS A 41 8.36 -13.80 -0.44
C LYS A 41 9.44 -12.88 -1.03
N LYS A 42 9.98 -11.98 -0.21
CA LYS A 42 11.02 -11.05 -0.68
C LYS A 42 12.25 -11.78 -1.21
N GLU A 43 12.79 -12.67 -0.39
CA GLU A 43 13.96 -13.43 -0.75
C GLU A 43 13.68 -14.24 -2.01
N ILE A 44 12.50 -14.84 -2.07
CA ILE A 44 12.12 -15.61 -3.24
C ILE A 44 12.23 -14.71 -4.49
N ASN A 45 11.70 -13.49 -4.39
CA ASN A 45 11.77 -12.56 -5.51
C ASN A 45 13.21 -12.21 -5.88
N ARG A 46 14.06 -12.08 -4.88
CA ARG A 46 15.47 -11.79 -5.13
C ARG A 46 16.08 -12.92 -5.96
N VAL A 47 15.91 -14.14 -5.51
CA VAL A 47 16.45 -15.27 -6.26
C VAL A 47 15.76 -15.36 -7.62
N LEU A 48 14.45 -15.14 -7.63
CA LEU A 48 13.70 -15.23 -8.87
C LEU A 48 14.15 -14.26 -9.96
N TYR A 49 14.32 -12.98 -9.60
CA TYR A 49 14.77 -11.99 -10.58
C TYR A 49 16.22 -12.25 -10.97
N SER A 50 16.99 -12.77 -10.02
CA SER A 50 18.38 -13.10 -10.29
C SER A 50 18.39 -14.20 -11.36
N LEU A 51 17.79 -15.35 -11.04
CA LEU A 51 17.72 -16.47 -11.95
C LEU A 51 17.12 -16.09 -13.30
N ALA A 52 16.28 -15.06 -13.31
CA ALA A 52 15.65 -14.60 -14.53
C ALA A 52 16.69 -13.85 -15.34
N LYS A 53 17.44 -12.98 -14.63
CA LYS A 53 18.49 -12.19 -15.23
C LYS A 53 19.45 -13.11 -15.96
N LYS A 54 19.75 -14.24 -15.32
CA LYS A 54 20.66 -15.23 -15.85
C LYS A 54 19.94 -16.19 -16.80
N GLY A 55 18.79 -15.77 -17.31
CA GLY A 55 18.02 -16.57 -18.24
C GLY A 55 17.52 -17.97 -17.88
N LYS A 56 17.87 -18.49 -16.70
CA LYS A 56 17.44 -19.83 -16.29
C LYS A 56 15.92 -19.96 -16.08
N LEU A 57 15.26 -18.84 -15.79
CA LEU A 57 13.82 -18.84 -15.57
C LEU A 57 13.18 -17.77 -16.43
N GLN A 58 11.92 -17.99 -16.78
CA GLN A 58 11.20 -17.01 -17.58
C GLN A 58 10.10 -16.36 -16.77
N LYS A 59 10.08 -15.04 -16.76
CA LYS A 59 9.06 -14.33 -16.03
C LYS A 59 7.93 -13.99 -16.97
N GLU A 60 6.70 -14.24 -16.52
CA GLU A 60 5.53 -13.92 -17.29
C GLU A 60 4.91 -12.72 -16.59
N ALA A 61 5.11 -11.53 -17.16
CA ALA A 61 4.57 -10.30 -16.57
C ALA A 61 3.10 -10.39 -16.21
N GLY A 62 2.75 -9.76 -15.11
CA GLY A 62 1.37 -9.78 -14.65
C GLY A 62 1.31 -9.20 -13.25
N THR A 63 0.14 -9.37 -12.62
CA THR A 63 -0.03 -8.89 -11.27
C THR A 63 -0.71 -10.00 -10.48
N PRO A 64 0.07 -10.87 -9.83
CA PRO A 64 1.54 -10.78 -9.84
C PRO A 64 2.17 -11.57 -10.99
N PRO A 65 3.49 -11.41 -11.18
CA PRO A 65 4.22 -12.10 -12.23
C PRO A 65 4.15 -13.62 -12.05
N LEU A 66 4.28 -14.34 -13.14
CA LEU A 66 4.27 -15.80 -13.08
C LEU A 66 5.70 -16.25 -13.41
N TRP A 67 6.16 -17.32 -12.77
CA TRP A 67 7.52 -17.82 -13.03
C TRP A 67 7.57 -19.29 -13.41
N LYS A 68 8.42 -19.62 -14.38
CA LYS A 68 8.54 -21.00 -14.84
C LYS A 68 9.93 -21.31 -15.39
N ILE A 69 10.29 -22.60 -15.43
CA ILE A 69 11.57 -22.97 -15.99
C ILE A 69 11.44 -22.65 -17.48
N ALA A 70 12.41 -21.90 -18.01
CA ALA A 70 12.39 -21.51 -19.42
C ALA A 70 12.92 -22.64 -20.30
N GLN B 9 3.67 7.11 17.62
CA GLN B 9 3.53 8.45 16.97
C GLN B 9 4.87 9.15 16.97
N ASP B 10 5.80 8.61 17.76
CA ASP B 10 7.12 9.16 17.89
C ASP B 10 7.67 9.70 16.58
N GLN B 11 7.50 8.93 15.50
CA GLN B 11 8.02 9.34 14.20
C GLN B 11 7.24 10.45 13.52
N GLU B 12 5.92 10.30 13.44
CA GLU B 12 5.09 11.31 12.79
C GLU B 12 5.42 12.72 13.25
N GLN B 13 5.33 12.96 14.55
CA GLN B 13 5.63 14.27 15.07
C GLN B 13 7.09 14.61 14.75
N ARG B 14 7.98 13.67 15.00
CA ARG B 14 9.41 13.88 14.74
C ARG B 14 9.68 14.38 13.33
N ILE B 15 9.02 13.77 12.35
CA ILE B 15 9.21 14.15 10.97
C ILE B 15 8.70 15.56 10.70
N LEU B 16 7.52 15.89 11.21
CA LEU B 16 6.94 17.21 11.03
C LEU B 16 7.81 18.26 11.73
N LYS B 17 8.31 17.91 12.91
CA LYS B 17 9.17 18.85 13.64
C LYS B 17 10.38 19.20 12.80
N PHE B 18 10.90 18.22 12.08
CA PHE B 18 12.07 18.42 11.24
C PHE B 18 11.73 19.32 10.05
N LEU B 19 10.64 18.96 9.36
CA LEU B 19 10.18 19.70 8.20
C LEU B 19 9.77 21.12 8.57
N GLU B 20 9.49 21.33 9.86
CA GLU B 20 9.09 22.64 10.33
C GLU B 20 10.36 23.45 10.62
N GLU B 21 11.39 22.76 11.09
CA GLU B 21 12.67 23.41 11.40
C GLU B 21 13.49 23.70 10.15
N LEU B 22 12.99 23.27 9.00
CA LEU B 22 13.72 23.47 7.75
C LEU B 22 12.90 24.25 6.73
N GLY B 23 12.27 25.34 7.19
CA GLY B 23 11.48 26.16 6.29
C GLY B 23 10.30 25.45 5.65
N GLU B 24 9.11 26.00 5.85
CA GLU B 24 7.89 25.44 5.30
C GLU B 24 7.94 25.38 3.77
N GLY B 25 8.87 26.13 3.18
CA GLY B 25 8.98 26.14 1.73
C GLY B 25 9.95 25.13 1.16
N LYS B 26 10.97 24.77 1.95
CA LYS B 26 11.97 23.82 1.53
C LYS B 26 11.46 22.39 1.64
N ALA B 27 11.68 21.59 0.59
CA ALA B 27 11.25 20.20 0.59
C ALA B 27 12.29 19.31 1.26
N THR B 28 12.39 18.06 0.81
CA THR B 28 13.34 17.09 1.34
C THR B 28 12.99 15.67 0.92
N THR B 29 13.98 14.78 0.97
CA THR B 29 13.76 13.39 0.57
C THR B 29 13.65 12.47 1.78
N ALA B 30 13.02 11.32 1.57
CA ALA B 30 12.88 10.36 2.65
C ALA B 30 14.27 9.93 3.09
N HIS B 31 15.15 9.69 2.10
CA HIS B 31 16.52 9.27 2.38
C HIS B 31 17.20 10.31 3.24
N ASP B 32 16.96 11.58 2.90
CA ASP B 32 17.50 12.71 3.64
C ASP B 32 17.02 12.59 5.08
N LEU B 33 15.69 12.52 5.24
CA LEU B 33 15.06 12.39 6.56
C LEU B 33 15.67 11.24 7.35
N SER B 34 15.89 10.13 6.66
CA SER B 34 16.46 8.93 7.28
C SER B 34 17.84 9.19 7.88
N GLY B 35 18.75 9.70 7.06
CA GLY B 35 20.10 9.96 7.53
C GLY B 35 20.17 11.02 8.61
N LYS B 36 19.22 11.94 8.62
CA LYS B 36 19.22 13.00 9.62
C LYS B 36 18.50 12.60 10.90
N LEU B 37 17.50 11.75 10.79
CA LEU B 37 16.73 11.33 11.96
C LEU B 37 17.21 10.01 12.58
N GLY B 38 18.14 9.32 11.92
CA GLY B 38 18.61 8.05 12.42
C GLY B 38 17.46 7.06 12.46
N THR B 39 16.77 6.92 11.33
CA THR B 39 15.63 6.02 11.22
C THR B 39 15.53 5.40 9.83
N PRO B 40 15.07 4.14 9.75
CA PRO B 40 14.91 3.39 8.50
C PRO B 40 14.06 4.12 7.48
N LYS B 41 14.60 4.28 6.27
CA LYS B 41 13.89 4.96 5.19
C LYS B 41 12.53 4.30 4.96
N LYS B 42 12.45 3.00 5.21
CA LYS B 42 11.18 2.30 5.02
C LYS B 42 10.13 2.84 5.98
N GLU B 43 10.51 2.99 7.25
CA GLU B 43 9.58 3.51 8.25
C GLU B 43 9.30 4.99 7.96
N ILE B 44 10.34 5.70 7.52
CA ILE B 44 10.20 7.10 7.18
C ILE B 44 9.11 7.23 6.12
N ASN B 45 9.21 6.40 5.08
CA ASN B 45 8.25 6.44 4.00
C ASN B 45 6.82 6.12 4.39
N ARG B 46 6.62 5.08 5.19
CA ARG B 46 5.26 4.74 5.60
C ARG B 46 4.70 5.94 6.34
N VAL B 47 5.51 6.56 7.19
CA VAL B 47 5.09 7.72 7.96
C VAL B 47 4.78 8.87 7.00
N LEU B 48 5.66 9.08 6.03
CA LEU B 48 5.48 10.14 5.05
C LEU B 48 4.25 9.96 4.18
N TYR B 49 4.08 8.79 3.60
CA TYR B 49 2.92 8.57 2.75
C TYR B 49 1.62 8.70 3.53
N SER B 50 1.67 8.34 4.81
CA SER B 50 0.49 8.41 5.67
C SER B 50 0.11 9.88 5.91
N LEU B 51 1.09 10.67 6.32
CA LEU B 51 0.86 12.08 6.55
C LEU B 51 0.35 12.74 5.27
N ALA B 52 0.81 12.25 4.13
CA ALA B 52 0.39 12.82 2.85
C ALA B 52 -1.08 12.50 2.55
N LYS B 53 -1.52 11.30 2.91
CA LYS B 53 -2.90 10.90 2.66
C LYS B 53 -3.80 11.70 3.62
N LYS B 54 -3.27 11.99 4.80
CA LYS B 54 -3.99 12.78 5.79
C LYS B 54 -3.93 14.24 5.35
N GLY B 55 -3.08 14.51 4.36
CA GLY B 55 -2.95 15.87 3.87
C GLY B 55 -2.09 16.78 4.76
N LYS B 56 -1.35 16.19 5.68
CA LYS B 56 -0.50 16.96 6.59
C LYS B 56 0.81 17.38 5.90
N LEU B 57 1.19 16.64 4.87
CA LEU B 57 2.41 16.94 4.12
C LEU B 57 2.09 17.10 2.65
N GLN B 58 3.07 17.63 1.92
CA GLN B 58 2.94 17.82 0.48
C GLN B 58 4.01 17.00 -0.21
N LYS B 59 3.58 15.92 -0.86
CA LYS B 59 4.50 15.05 -1.58
C LYS B 59 4.70 15.61 -2.98
N GLU B 60 5.95 15.87 -3.33
CA GLU B 60 6.26 16.39 -4.64
C GLU B 60 6.74 15.23 -5.50
N ALA B 61 5.83 14.72 -6.33
CA ALA B 61 6.11 13.61 -7.20
C ALA B 61 7.48 13.71 -7.85
N GLY B 62 7.99 12.58 -8.33
CA GLY B 62 9.28 12.58 -8.96
C GLY B 62 10.08 11.39 -8.50
N THR B 63 11.33 11.34 -8.93
CA THR B 63 12.21 10.25 -8.55
C THR B 63 13.52 10.84 -8.04
N PRO B 64 13.68 10.92 -6.72
CA PRO B 64 12.71 10.51 -5.69
C PRO B 64 11.68 11.58 -5.40
N PRO B 65 10.64 11.23 -4.62
CA PRO B 65 9.59 12.20 -4.28
C PRO B 65 10.15 13.16 -3.23
N LEU B 66 9.58 14.35 -3.17
CA LEU B 66 10.04 15.36 -2.21
C LEU B 66 8.93 15.69 -1.23
N TRP B 67 9.30 15.77 0.05
CA TRP B 67 8.30 16.05 1.08
C TRP B 67 8.50 17.38 1.80
N LYS B 68 7.40 18.11 1.98
CA LYS B 68 7.40 19.38 2.67
C LYS B 68 6.03 19.67 3.29
N ILE B 69 6.04 20.31 4.46
CA ILE B 69 4.81 20.67 5.16
C ILE B 69 3.78 21.22 4.17
N ALA B 70 2.53 20.77 4.31
CA ALA B 70 1.44 21.20 3.42
C ALA B 70 1.08 22.69 3.53
N SER C 6 -13.23 5.32 -13.75
CA SER C 6 -12.78 4.04 -13.15
C SER C 6 -13.73 3.53 -12.09
N ILE C 7 -14.07 2.24 -12.18
CA ILE C 7 -14.98 1.60 -11.23
C ILE C 7 -14.73 1.99 -9.77
N TYR C 8 -13.46 2.09 -9.38
CA TYR C 8 -13.21 2.46 -8.00
C TYR C 8 -13.66 3.90 -7.76
N GLN C 9 -13.33 4.78 -8.69
CA GLN C 9 -13.71 6.18 -8.56
C GLN C 9 -15.21 6.38 -8.55
N ASP C 10 -15.93 5.57 -9.32
CA ASP C 10 -17.38 5.68 -9.33
C ASP C 10 -17.92 5.31 -7.95
N GLN C 11 -17.41 4.22 -7.36
CA GLN C 11 -17.86 3.81 -6.04
C GLN C 11 -17.58 4.87 -4.95
N GLU C 12 -16.45 5.57 -5.09
CA GLU C 12 -16.12 6.63 -4.14
C GLU C 12 -17.16 7.74 -4.25
N GLN C 13 -17.40 8.19 -5.48
CA GLN C 13 -18.38 9.23 -5.73
C GLN C 13 -19.77 8.79 -5.28
N ARG C 14 -20.14 7.55 -5.60
CA ARG C 14 -21.46 7.05 -5.20
C ARG C 14 -21.61 7.17 -3.67
N ILE C 15 -20.57 6.76 -2.95
CA ILE C 15 -20.59 6.85 -1.49
C ILE C 15 -20.73 8.31 -1.09
N LEU C 16 -19.90 9.13 -1.70
CA LEU C 16 -19.91 10.56 -1.42
C LEU C 16 -21.29 11.20 -1.64
N LYS C 17 -21.85 10.98 -2.81
CA LYS C 17 -23.15 11.53 -3.14
C LYS C 17 -24.20 11.00 -2.17
N PHE C 18 -24.04 9.76 -1.75
CA PHE C 18 -25.02 9.18 -0.83
C PHE C 18 -25.06 9.94 0.49
N LEU C 19 -23.89 10.13 1.10
CA LEU C 19 -23.81 10.83 2.36
C LEU C 19 -24.25 12.29 2.17
N GLU C 20 -23.83 12.92 1.07
CA GLU C 20 -24.24 14.31 0.81
C GLU C 20 -25.78 14.38 0.75
N GLU C 21 -26.39 13.40 0.11
CA GLU C 21 -27.84 13.38 0.00
C GLU C 21 -28.46 13.01 1.34
N LEU C 22 -27.78 12.18 2.11
CA LEU C 22 -28.31 11.82 3.41
C LEU C 22 -28.37 13.13 4.22
N GLY C 23 -27.33 13.95 4.03
CA GLY C 23 -27.25 15.21 4.73
C GLY C 23 -26.03 15.32 5.60
N GLU C 24 -25.35 16.46 5.57
CA GLU C 24 -24.20 16.64 6.42
C GLU C 24 -24.67 16.45 7.86
N GLY C 25 -23.83 15.84 8.69
CA GLY C 25 -24.20 15.64 10.07
C GLY C 25 -24.96 14.35 10.34
N LYS C 26 -25.49 13.73 9.30
CA LYS C 26 -26.23 12.49 9.47
C LYS C 26 -25.31 11.31 9.17
N ALA C 27 -25.28 10.33 10.06
CA ALA C 27 -24.41 9.18 9.85
C ALA C 27 -25.15 7.93 9.44
N THR C 28 -24.42 7.00 8.84
CA THR C 28 -24.99 5.73 8.45
C THR C 28 -23.88 4.70 8.55
N THR C 29 -24.24 3.42 8.49
CA THR C 29 -23.26 2.34 8.61
C THR C 29 -22.77 1.84 7.27
N ALA C 30 -21.63 1.13 7.27
CA ALA C 30 -21.09 0.57 6.04
C ALA C 30 -22.12 -0.42 5.52
N HIS C 31 -22.73 -1.16 6.45
CA HIS C 31 -23.74 -2.13 6.09
C HIS C 31 -24.85 -1.50 5.24
N ASP C 32 -25.40 -0.38 5.72
CA ASP C 32 -26.47 0.34 5.00
C ASP C 32 -25.95 0.80 3.64
N LEU C 33 -24.78 1.43 3.64
CA LEU C 33 -24.15 1.90 2.41
C LEU C 33 -24.02 0.78 1.36
N SER C 34 -23.50 -0.35 1.80
CA SER C 34 -23.31 -1.52 0.96
C SER C 34 -24.63 -1.97 0.34
N GLY C 35 -25.66 -2.03 1.18
CA GLY C 35 -26.96 -2.45 0.70
C GLY C 35 -27.58 -1.49 -0.29
N LYS C 36 -27.56 -0.20 0.02
CA LYS C 36 -28.16 0.79 -0.85
C LYS C 36 -27.41 0.94 -2.17
N LEU C 37 -26.09 0.80 -2.15
CA LEU C 37 -25.34 0.94 -3.39
C LEU C 37 -25.09 -0.43 -4.08
N GLY C 38 -25.46 -1.52 -3.43
CA GLY C 38 -25.21 -2.82 -4.03
C GLY C 38 -23.71 -3.07 -4.20
N THR C 39 -22.92 -2.70 -3.20
CA THR C 39 -21.49 -2.93 -3.26
C THR C 39 -21.14 -3.75 -2.03
N PRO C 40 -20.24 -4.75 -2.20
CA PRO C 40 -19.86 -5.60 -1.05
C PRO C 40 -19.37 -4.73 0.12
N LYS C 41 -19.77 -5.06 1.36
CA LYS C 41 -19.34 -4.27 2.51
C LYS C 41 -17.80 -4.07 2.60
N LYS C 42 -17.03 -5.11 2.27
CA LYS C 42 -15.57 -5.00 2.31
C LYS C 42 -15.09 -3.79 1.51
N GLU C 43 -15.62 -3.66 0.29
CA GLU C 43 -15.22 -2.55 -0.57
C GLU C 43 -15.71 -1.25 0.01
N ILE C 44 -16.96 -1.22 0.47
CA ILE C 44 -17.48 -0.01 1.09
C ILE C 44 -16.52 0.43 2.21
N ASN C 45 -16.11 -0.52 3.06
CA ASN C 45 -15.18 -0.24 4.17
C ASN C 45 -13.80 0.19 3.72
N ARG C 46 -13.30 -0.39 2.63
CA ARG C 46 -11.97 0.04 2.16
C ARG C 46 -12.06 1.54 1.84
N VAL C 47 -13.10 1.92 1.11
CA VAL C 47 -13.29 3.31 0.72
C VAL C 47 -13.58 4.24 1.89
N LEU C 48 -14.41 3.80 2.84
CA LEU C 48 -14.76 4.62 3.99
C LEU C 48 -13.56 4.97 4.85
N TYR C 49 -12.77 3.96 5.21
CA TYR C 49 -11.58 4.21 6.02
C TYR C 49 -10.59 5.07 5.26
N SER C 50 -10.53 4.90 3.95
CA SER C 50 -9.64 5.68 3.13
C SER C 50 -10.04 7.16 3.09
N LEU C 51 -11.32 7.44 2.86
CA LEU C 51 -11.75 8.82 2.81
C LEU C 51 -11.65 9.42 4.21
N ALA C 52 -11.81 8.58 5.24
CA ALA C 52 -11.70 9.08 6.60
C ALA C 52 -10.25 9.52 6.83
N LYS C 53 -9.32 8.78 6.26
CA LYS C 53 -7.91 9.10 6.40
C LYS C 53 -7.60 10.38 5.63
N LYS C 54 -8.28 10.54 4.50
CA LYS C 54 -8.10 11.73 3.67
C LYS C 54 -8.92 12.87 4.25
N GLY C 55 -9.57 12.62 5.38
CA GLY C 55 -10.38 13.65 6.00
C GLY C 55 -11.62 14.12 5.26
N LYS C 56 -12.04 13.39 4.22
CA LYS C 56 -13.24 13.78 3.49
C LYS C 56 -14.42 13.41 4.39
N LEU C 57 -14.30 12.25 5.05
CA LEU C 57 -15.33 11.74 5.95
C LEU C 57 -14.87 11.72 7.40
N GLN C 58 -15.81 11.46 8.29
CA GLN C 58 -15.52 11.42 9.71
C GLN C 58 -16.09 10.13 10.29
N LYS C 59 -15.29 9.40 11.03
CA LYS C 59 -15.77 8.16 11.61
C LYS C 59 -16.33 8.41 13.00
N GLU C 60 -17.45 7.76 13.32
CA GLU C 60 -18.03 7.90 14.65
C GLU C 60 -17.88 6.57 15.37
N ALA C 61 -17.01 6.58 16.38
CA ALA C 61 -16.75 5.40 17.17
C ALA C 61 -18.06 4.67 17.44
N GLY C 62 -18.02 3.35 17.35
CA GLY C 62 -19.22 2.60 17.60
C GLY C 62 -19.03 1.18 17.14
N THR C 63 -20.00 0.34 17.44
CA THR C 63 -19.94 -1.04 17.04
C THR C 63 -21.30 -1.43 16.49
N PRO C 64 -21.47 -1.33 15.16
CA PRO C 64 -20.50 -0.88 14.16
C PRO C 64 -20.31 0.63 14.09
N PRO C 65 -19.22 1.09 13.47
CA PRO C 65 -18.90 2.50 13.30
C PRO C 65 -19.95 3.21 12.43
N LEU C 66 -20.02 4.53 12.56
CA LEU C 66 -20.95 5.35 11.79
C LEU C 66 -20.13 6.30 10.94
N TRP C 67 -20.67 6.67 9.78
CA TRP C 67 -19.98 7.55 8.85
C TRP C 67 -20.82 8.71 8.36
N LYS C 68 -20.17 9.82 8.10
CA LYS C 68 -20.86 11.02 7.63
C LYS C 68 -19.89 12.09 7.18
N ILE C 69 -20.42 12.98 6.35
CA ILE C 69 -19.65 14.11 5.88
C ILE C 69 -19.81 15.14 7.00
N ALA C 70 -18.69 15.61 7.55
CA ALA C 70 -18.72 16.60 8.63
C ALA C 70 -19.14 17.97 8.14
N VAL C 71 -19.86 18.71 9.01
CA VAL C 71 -20.33 20.06 8.69
C VAL C 71 -19.23 21.11 8.89
#